data_9DP9
#
_entry.id   9DP9
#
_cell.length_a   1.00
_cell.length_b   1.00
_cell.length_c   1.00
_cell.angle_alpha   90.00
_cell.angle_beta   90.00
_cell.angle_gamma   90.00
#
_symmetry.space_group_name_H-M   'P 1'
#
loop_
_entity.id
_entity.type
_entity.pdbx_description
1 polymer 'RNA (440-MER)'
2 non-polymer 'MAGNESIUM ION'
#
_entity_poly.entity_id   1
_entity_poly.type   'polyribonucleotide'
_entity_poly.pdbx_seq_one_letter_code
;UAGGGGGUGAUGUGGCAGCGCACUUGAUAUGGAUGCAGUUCACAGACUAAAUGUCGGUCGGGGAAGAUGUAUUCUUCUCA
UAAGAUAUAGUCGGACCUCUCCUUAAUGGGAGCUAGCGGAUGAAGUGAUGCAACACUGGAGCCGCUGGGAACUAAUUUGU
AUGCGAAAGUAUAUUGAUUAGUUUUGGAGAAAGUUAUCAGGCAUGCACCUGGUAGCUAGUCUUUAAACCAAUAGAUUGCA
UCGGUUUAAAAGGCAAGACCGUCAAAUUGCGGGAAAGGGGUCAACAGCCGUUCAGUACCAAGUCUCAGGGGAAACUUUGA
GAUGGCCUUGCAAAGGGUAUGGUAAUAAGCUGACGGACAUGGUCCUAACCACGCAGCCAAGUCCUAAGUCAAGUGACGGG
AAAAGGUCGUCCCCGACGCAUCAUCCCUCUAUGCGAGACC
;
_entity_poly.pdbx_strand_id   A
#